data_6DTH
#
_entry.id   6DTH
#
_cell.length_a   47.865
_cell.length_b   92.887
_cell.length_c   108.119
_cell.angle_alpha   90.000
_cell.angle_beta   90.000
_cell.angle_gamma   90.000
#
_symmetry.space_group_name_H-M   'P 21 21 21'
#
loop_
_entity.id
_entity.type
_entity.pdbx_description
1 polymer 'Periplasmic oligopeptide-binding protein'
2 polymer ARG-PRO-PRO-GLY-PHE
3 non-polymer 'SULFATE ION'
4 water water
#
loop_
_entity_poly.entity_id
_entity_poly.type
_entity_poly.pdbx_seq_one_letter_code
_entity_poly.pdbx_strand_id
1 'polypeptide(L)'
;MVIVPEGTQLDEKQHIVINNGAEPQSFDPHKTEGVPESNVAYQLLEGLVTSDSEGKLQPGAAESWENTPDFKTWTFHLRK
DAKWSNGDPVTAHDFVFAWRRLVDPATAAPYASYLSYLQVENAQDIIDGKKKPAELGVEAKDDYTFVVHATNPVPYAVSL
TTHQSLLPLPQKVVEKLGDAWVKKENYVGNGAYKLANHIINEKIEFERNPLYWNDKETVINSATFLAIENPSTDVARYRA
GDLDMTSYGLPPEQFAKLKKELLGEVYVTRTLGTYSYELNNKKAPFDNVNIRKALNLSLDRNVITDKVLGQGQTPTYVFT
PTYIEEGHLIQQPAYSKEPMAQRNEEAIKLLEEAGYSKANPLKFSILYNTNENHKKVAIAAASMWKANTKGLIDVKLENQ
EWKTYIDSRRAGRYDVARAGWHADYNQATTFGNYFLSNSSNNTAKYANPEYDKAMAESYAATDAEGRAKAYAKAEEILGK
DYGIVPIFNYVNPRLVKPYVKGYSGKDPQDHIYLRNLYIIKHLEHHHHHH
;
A
2 'polypeptide(L)' RPPGF B
#
loop_
_chem_comp.id
_chem_comp.type
_chem_comp.name
_chem_comp.formula
SO4 non-polymer 'SULFATE ION' 'O4 S -2'
#
# COMPACT_ATOMS: atom_id res chain seq x y z
N GLN A 9 -28.92 20.75 -6.29
CA GLN A 9 -27.99 21.76 -5.73
C GLN A 9 -26.54 21.29 -5.90
N LEU A 10 -26.22 20.71 -7.06
CA LEU A 10 -24.85 20.54 -7.51
C LEU A 10 -24.22 21.91 -7.73
N ASP A 11 -23.00 22.12 -7.23
CA ASP A 11 -22.27 23.35 -7.46
C ASP A 11 -21.91 23.46 -8.94
N GLU A 12 -21.82 24.71 -9.39
CA GLU A 12 -21.67 25.02 -10.81
C GLU A 12 -20.22 24.77 -11.20
N LYS A 13 -19.27 24.86 -10.26
CA LYS A 13 -17.85 24.85 -10.60
C LYS A 13 -17.28 23.41 -10.67
N GLN A 14 -17.47 22.62 -9.61
CA GLN A 14 -16.94 21.22 -9.56
C GLN A 14 -15.41 21.20 -9.67
N HIS A 15 -14.76 21.86 -8.71
CA HIS A 15 -13.34 21.84 -8.48
C HIS A 15 -13.08 21.33 -7.05
N ILE A 16 -11.96 20.65 -6.83
CA ILE A 16 -11.62 20.12 -5.52
C ILE A 16 -10.11 20.13 -5.33
N VAL A 17 -9.69 20.43 -4.10
CA VAL A 17 -8.29 20.40 -3.70
C VAL A 17 -8.12 19.33 -2.61
N ILE A 18 -7.19 18.40 -2.82
CA ILE A 18 -6.94 17.27 -1.92
C ILE A 18 -5.44 17.19 -1.61
N ASN A 19 -5.14 16.94 -0.33
CA ASN A 19 -3.77 16.68 0.07
C ASN A 19 -3.43 15.23 -0.29
N ASN A 20 -2.42 15.07 -1.14
CA ASN A 20 -1.90 13.78 -1.51
C ASN A 20 -0.70 13.42 -0.62
N GLY A 21 -0.15 14.38 0.13
CA GLY A 21 0.69 14.06 1.30
C GLY A 21 2.19 14.01 1.01
N ALA A 22 2.59 13.92 -0.27
CA ALA A 22 4.02 13.84 -0.66
C ALA A 22 4.17 13.94 -2.17
N GLU A 23 5.38 14.25 -2.62
CA GLU A 23 5.72 14.24 -4.03
C GLU A 23 5.87 12.78 -4.45
N PRO A 24 5.08 12.28 -5.43
CA PRO A 24 5.16 10.88 -5.83
C PRO A 24 6.53 10.57 -6.46
N GLN A 25 7.01 9.33 -6.29
CA GLN A 25 8.29 8.91 -6.90
C GLN A 25 8.17 9.08 -8.43
N SER A 26 7.01 8.70 -8.99
CA SER A 26 6.85 8.57 -10.43
C SER A 26 5.36 8.43 -10.76
N PHE A 27 4.98 8.74 -12.02
CA PHE A 27 3.61 8.50 -12.56
C PHE A 27 3.52 7.21 -13.41
N ASP A 28 4.62 6.46 -13.48
CA ASP A 28 4.69 5.18 -14.12
C ASP A 28 4.25 4.12 -13.11
N PRO A 29 3.12 3.40 -13.30
CA PRO A 29 2.65 2.45 -12.29
C PRO A 29 3.52 1.21 -12.10
N HIS A 30 4.51 1.03 -12.98
CA HIS A 30 5.43 -0.08 -12.85
C HIS A 30 6.68 0.28 -12.04
N LYS A 31 6.90 1.57 -11.78
CA LYS A 31 8.11 2.08 -11.10
C LYS A 31 7.83 2.50 -9.65
N THR A 32 6.65 2.21 -9.13
CA THR A 32 6.19 2.82 -7.89
C THR A 32 5.54 1.75 -7.02
N GLU A 33 5.34 2.08 -5.73
CA GLU A 33 4.73 1.11 -4.83
C GLU A 33 3.96 1.79 -3.69
N GLY A 34 3.78 3.12 -3.73
CA GLY A 34 3.20 3.86 -2.57
C GLY A 34 1.82 4.45 -2.84
N VAL A 35 1.18 4.92 -1.77
CA VAL A 35 -0.17 5.50 -1.83
C VAL A 35 -0.18 6.81 -2.61
N PRO A 36 0.76 7.77 -2.42
CA PRO A 36 0.74 9.00 -3.23
C PRO A 36 0.77 8.68 -4.73
N GLU A 37 1.47 7.60 -5.11
CA GLU A 37 1.67 7.25 -6.50
C GLU A 37 0.38 6.67 -7.09
N SER A 38 -0.21 5.70 -6.37
CA SER A 38 -1.42 5.06 -6.83
C SER A 38 -2.57 6.07 -6.90
N ASN A 39 -2.62 7.00 -5.94
CA ASN A 39 -3.64 8.02 -5.94
C ASN A 39 -3.62 8.80 -7.26
N VAL A 40 -2.42 9.06 -7.78
CA VAL A 40 -2.29 9.79 -9.05
C VAL A 40 -2.67 8.85 -10.19
N ALA A 41 -2.02 7.67 -10.20
CA ALA A 41 -2.19 6.74 -11.30
C ALA A 41 -3.66 6.44 -11.52
N TYR A 42 -4.42 6.36 -10.42
CA TYR A 42 -5.85 5.95 -10.45
C TYR A 42 -6.78 7.00 -11.08
N GLN A 43 -6.32 8.26 -11.18
CA GLN A 43 -7.02 9.32 -11.89
C GLN A 43 -6.72 9.23 -13.40
N LEU A 44 -5.52 8.80 -13.77
CA LEU A 44 -5.03 8.89 -15.16
C LEU A 44 -5.24 7.59 -15.95
N LEU A 45 -5.37 6.46 -15.27
CA LEU A 45 -5.41 5.11 -15.88
C LEU A 45 -6.52 4.28 -15.22
N GLU A 46 -7.02 3.27 -15.90
CA GLU A 46 -8.04 2.40 -15.33
C GLU A 46 -7.84 0.97 -15.85
N GLY A 47 -7.82 0.04 -14.90
CA GLY A 47 -7.61 -1.35 -15.16
C GLY A 47 -8.92 -2.04 -15.50
N LEU A 48 -8.89 -3.36 -15.50
CA LEU A 48 -10.00 -4.17 -15.98
C LEU A 48 -11.25 -3.83 -15.18
N VAL A 49 -11.09 -3.71 -13.87
CA VAL A 49 -12.14 -3.48 -12.90
C VAL A 49 -11.68 -2.35 -11.99
N THR A 50 -12.65 -1.61 -11.43
CA THR A 50 -12.39 -0.49 -10.50
C THR A 50 -13.43 -0.56 -9.37
N SER A 51 -13.60 0.53 -8.61
CA SER A 51 -14.42 0.48 -7.40
C SER A 51 -15.23 1.76 -7.19
N ASP A 52 -16.32 1.60 -6.42
CA ASP A 52 -17.14 2.71 -5.97
C ASP A 52 -16.56 3.25 -4.66
N SER A 53 -17.29 4.19 -4.04
CA SER A 53 -16.88 4.93 -2.84
C SER A 53 -16.66 4.02 -1.63
N GLU A 54 -17.26 2.82 -1.63
CA GLU A 54 -17.12 1.91 -0.50
C GLU A 54 -16.21 0.73 -0.88
N GLY A 55 -15.57 0.82 -2.04
CA GLY A 55 -14.57 -0.15 -2.48
C GLY A 55 -15.18 -1.38 -3.13
N LYS A 56 -16.49 -1.34 -3.42
CA LYS A 56 -17.17 -2.41 -4.14
C LYS A 56 -16.80 -2.32 -5.63
N LEU A 57 -16.69 -3.48 -6.28
CA LEU A 57 -16.11 -3.59 -7.62
C LEU A 57 -17.19 -3.35 -8.68
N GLN A 58 -16.79 -2.61 -9.71
CA GLN A 58 -17.65 -2.23 -10.83
C GLN A 58 -16.82 -2.23 -12.11
N PRO A 59 -17.46 -2.32 -13.30
CA PRO A 59 -16.72 -2.40 -14.55
C PRO A 59 -15.73 -1.25 -14.73
N GLY A 60 -14.56 -1.57 -15.30
CA GLY A 60 -13.57 -0.60 -15.70
C GLY A 60 -13.39 -0.71 -17.18
N ALA A 61 -12.19 -1.08 -17.62
CA ALA A 61 -11.89 -1.22 -19.03
C ALA A 61 -12.62 -2.44 -19.57
N ALA A 62 -12.83 -3.43 -18.69
CA ALA A 62 -13.66 -4.57 -19.01
C ALA A 62 -15.12 -4.25 -18.63
N GLU A 63 -16.01 -4.45 -19.61
CA GLU A 63 -17.42 -4.28 -19.44
C GLU A 63 -18.05 -5.57 -18.92
N SER A 64 -17.39 -6.71 -19.11
CA SER A 64 -17.87 -8.01 -18.63
C SER A 64 -16.67 -8.96 -18.47
N TRP A 65 -16.88 -10.02 -17.67
CA TRP A 65 -15.82 -10.99 -17.32
C TRP A 65 -16.43 -12.24 -16.70
N GLU A 66 -15.69 -13.36 -16.81
CA GLU A 66 -16.15 -14.64 -16.26
C GLU A 66 -14.92 -15.48 -15.91
N ASN A 67 -15.17 -16.57 -15.19
CA ASN A 67 -14.16 -17.49 -14.78
C ASN A 67 -14.67 -18.90 -15.06
N THR A 68 -13.75 -19.81 -15.39
CA THR A 68 -14.00 -21.24 -15.40
C THR A 68 -14.32 -21.71 -13.99
N PRO A 69 -15.11 -22.79 -13.80
CA PRO A 69 -15.48 -23.26 -12.45
C PRO A 69 -14.34 -23.60 -11.47
N ASP A 70 -13.13 -23.84 -12.00
CA ASP A 70 -11.93 -24.18 -11.21
C ASP A 70 -11.16 -22.93 -10.75
N PHE A 71 -11.64 -21.73 -11.14
CA PHE A 71 -11.06 -20.43 -10.76
C PHE A 71 -9.65 -20.23 -11.34
N LYS A 72 -9.36 -20.88 -12.47
CA LYS A 72 -8.01 -20.84 -13.04
C LYS A 72 -7.98 -20.02 -14.34
N THR A 73 -9.13 -19.82 -15.00
CA THR A 73 -9.20 -19.10 -16.26
C THR A 73 -10.15 -17.90 -16.15
N TRP A 74 -9.60 -16.71 -16.41
CA TRP A 74 -10.31 -15.47 -16.26
C TRP A 74 -10.30 -14.72 -17.59
N THR A 75 -11.52 -14.46 -18.08
CA THR A 75 -11.75 -13.90 -19.39
C THR A 75 -12.41 -12.54 -19.20
N PHE A 76 -11.77 -11.50 -19.75
CA PHE A 76 -12.22 -10.11 -19.64
C PHE A 76 -12.64 -9.61 -21.03
N HIS A 77 -13.85 -9.05 -21.12
CA HIS A 77 -14.35 -8.52 -22.39
C HIS A 77 -14.18 -7.00 -22.35
N LEU A 78 -13.29 -6.47 -23.20
CA LEU A 78 -13.00 -5.05 -23.25
C LEU A 78 -14.03 -4.33 -24.14
N ARG A 79 -14.13 -3.01 -23.91
CA ARG A 79 -15.04 -2.15 -24.60
C ARG A 79 -14.51 -1.87 -26.00
N LYS A 80 -15.35 -2.09 -27.02
CA LYS A 80 -14.90 -2.17 -28.40
C LYS A 80 -14.61 -0.78 -28.97
N ASP A 81 -15.18 0.27 -28.38
CA ASP A 81 -14.95 1.63 -28.88
C ASP A 81 -14.19 2.50 -27.85
N ALA A 82 -13.62 1.91 -26.80
CA ALA A 82 -12.88 2.67 -25.80
C ALA A 82 -11.54 3.15 -26.40
N LYS A 83 -11.17 4.38 -26.08
CA LYS A 83 -9.98 5.02 -26.62
C LYS A 83 -9.11 5.53 -25.48
N TRP A 84 -7.79 5.54 -25.71
CA TRP A 84 -6.85 6.29 -24.92
C TRP A 84 -7.13 7.78 -25.06
N SER A 85 -6.55 8.58 -24.16
CA SER A 85 -6.76 10.02 -24.15
C SER A 85 -6.32 10.64 -25.49
N ASN A 86 -5.39 10.00 -26.21
CA ASN A 86 -4.87 10.55 -27.50
C ASN A 86 -5.70 10.04 -28.70
N GLY A 87 -6.71 9.20 -28.44
CA GLY A 87 -7.58 8.64 -29.47
C GLY A 87 -7.15 7.26 -29.96
N ASP A 88 -5.99 6.75 -29.52
CA ASP A 88 -5.60 5.40 -29.88
C ASP A 88 -6.60 4.44 -29.24
N PRO A 89 -6.87 3.27 -29.85
CA PRO A 89 -7.77 2.29 -29.24
C PRO A 89 -7.14 1.59 -28.03
N VAL A 90 -7.95 1.37 -26.99
CA VAL A 90 -7.59 0.50 -25.87
C VAL A 90 -7.94 -0.93 -26.29
N THR A 91 -6.93 -1.83 -26.35
CA THR A 91 -7.14 -3.23 -26.73
C THR A 91 -6.56 -4.16 -25.65
N ALA A 92 -6.87 -5.46 -25.77
CA ALA A 92 -6.25 -6.46 -24.91
C ALA A 92 -4.73 -6.47 -25.14
N HIS A 93 -4.26 -5.96 -26.28
CA HIS A 93 -2.80 -5.90 -26.52
C HIS A 93 -2.10 -4.95 -25.54
N ASP A 94 -2.77 -3.88 -25.11
CA ASP A 94 -2.23 -2.94 -24.12
C ASP A 94 -2.06 -3.61 -22.76
N PHE A 95 -3.04 -4.45 -22.37
CA PHE A 95 -2.96 -5.21 -21.13
C PHE A 95 -1.84 -6.26 -21.22
N VAL A 96 -1.76 -6.96 -22.34
CA VAL A 96 -0.70 -7.95 -22.55
C VAL A 96 0.64 -7.23 -22.38
N PHE A 97 0.81 -6.12 -23.11
CA PHE A 97 2.04 -5.35 -23.04
C PHE A 97 2.34 -4.92 -21.60
N ALA A 98 1.38 -4.28 -20.95
CA ALA A 98 1.63 -3.73 -19.61
C ALA A 98 2.01 -4.83 -18.60
N TRP A 99 1.27 -5.94 -18.59
CA TRP A 99 1.50 -7.00 -17.60
C TRP A 99 2.86 -7.69 -17.84
N ARG A 100 3.24 -7.88 -19.10
CA ARG A 100 4.55 -8.38 -19.43
C ARG A 100 5.63 -7.44 -18.87
N ARG A 101 5.48 -6.13 -19.08
CA ARG A 101 6.49 -5.13 -18.65
C ARG A 101 6.63 -5.15 -17.11
N LEU A 102 5.52 -5.39 -16.42
CA LEU A 102 5.51 -5.48 -14.96
C LEU A 102 6.51 -6.57 -14.49
N VAL A 103 6.42 -7.78 -15.06
CA VAL A 103 7.21 -8.93 -14.55
C VAL A 103 8.62 -8.94 -15.18
N ASP A 104 8.81 -8.21 -16.27
CA ASP A 104 10.10 -8.14 -16.92
C ASP A 104 11.15 -7.60 -15.93
N PRO A 105 12.22 -8.36 -15.63
CA PRO A 105 13.30 -7.87 -14.78
C PRO A 105 13.95 -6.54 -15.21
N ALA A 106 13.98 -6.25 -16.51
CA ALA A 106 14.59 -4.99 -17.03
C ALA A 106 13.78 -3.76 -16.57
N THR A 107 12.53 -3.98 -16.14
CA THR A 107 11.66 -2.90 -15.67
C THR A 107 11.96 -2.59 -14.20
N ALA A 108 12.45 -3.60 -13.48
CA ALA A 108 12.83 -3.50 -12.08
C ALA A 108 11.63 -3.02 -11.26
N ALA A 109 10.44 -3.49 -11.63
CA ALA A 109 9.24 -3.01 -10.97
C ALA A 109 9.24 -3.42 -9.50
N PRO A 110 8.97 -2.50 -8.54
CA PRO A 110 8.79 -2.89 -7.14
C PRO A 110 7.65 -3.89 -6.92
N TYR A 111 6.66 -3.86 -7.81
CA TYR A 111 5.51 -4.74 -7.70
C TYR A 111 5.61 -5.90 -8.70
N ALA A 112 6.83 -6.14 -9.22
CA ALA A 112 7.11 -7.26 -10.13
C ALA A 112 6.34 -8.53 -9.69
N SER A 113 6.30 -8.80 -8.39
CA SER A 113 5.85 -10.08 -7.86
C SER A 113 4.34 -10.23 -7.88
N TYR A 114 3.62 -9.15 -8.22
CA TYR A 114 2.15 -9.10 -8.01
C TYR A 114 1.42 -10.15 -8.85
N LEU A 115 1.89 -10.38 -10.07
CA LEU A 115 1.26 -11.39 -10.96
C LEU A 115 1.57 -12.81 -10.52
N SER A 116 2.64 -12.96 -9.73
CA SER A 116 2.98 -14.20 -9.01
C SER A 116 1.93 -14.48 -7.91
N TYR A 117 1.47 -13.41 -7.25
CA TYR A 117 0.45 -13.56 -6.22
C TYR A 117 -0.83 -14.08 -6.87
N LEU A 118 -1.11 -13.59 -8.09
CA LEU A 118 -2.28 -13.98 -8.90
C LEU A 118 -2.12 -15.39 -9.51
N GLN A 119 -0.90 -15.93 -9.44
CA GLN A 119 -0.57 -17.33 -9.84
C GLN A 119 -0.63 -17.45 -11.37
N VAL A 120 -0.35 -16.34 -12.08
CA VAL A 120 -0.34 -16.36 -13.52
C VAL A 120 0.78 -17.32 -13.95
N GLU A 121 0.49 -18.19 -14.92
CA GLU A 121 1.49 -19.14 -15.40
C GLU A 121 2.75 -18.41 -15.90
N ASN A 122 3.89 -18.85 -15.38
CA ASN A 122 5.24 -18.46 -15.78
C ASN A 122 5.65 -17.13 -15.18
N ALA A 123 4.80 -16.52 -14.34
CA ALA A 123 5.08 -15.18 -13.83
C ALA A 123 6.35 -15.22 -12.98
N GLN A 124 6.41 -16.20 -12.04
CA GLN A 124 7.58 -16.34 -11.14
C GLN A 124 8.86 -16.61 -11.94
N ASP A 125 8.77 -17.45 -12.98
CA ASP A 125 9.91 -17.80 -13.84
C ASP A 125 10.39 -16.58 -14.63
N ILE A 126 9.48 -15.67 -14.99
CA ILE A 126 9.89 -14.50 -15.76
C ILE A 126 10.63 -13.55 -14.83
N ILE A 127 10.11 -13.42 -13.60
CA ILE A 127 10.69 -12.60 -12.54
C ILE A 127 12.10 -13.11 -12.23
N ASP A 128 12.26 -14.45 -12.22
CA ASP A 128 13.55 -15.12 -11.93
C ASP A 128 14.45 -15.18 -13.17
N GLY A 129 14.02 -14.61 -14.30
CA GLY A 129 14.82 -14.55 -15.56
C GLY A 129 14.89 -15.87 -16.33
N LYS A 130 14.11 -16.87 -15.90
CA LYS A 130 14.12 -18.24 -16.43
C LYS A 130 13.31 -18.38 -17.73
N LYS A 131 12.27 -17.53 -17.90
CA LYS A 131 11.54 -17.39 -19.16
C LYS A 131 11.47 -15.93 -19.57
N LYS A 132 11.26 -15.70 -20.87
CA LYS A 132 11.08 -14.36 -21.40
C LYS A 132 9.68 -13.86 -21.06
N PRO A 133 9.53 -12.52 -20.95
CA PRO A 133 8.24 -11.91 -20.64
C PRO A 133 7.08 -12.36 -21.55
N ALA A 134 7.38 -12.53 -22.84
CA ALA A 134 6.41 -12.97 -23.80
C ALA A 134 5.81 -14.34 -23.44
N GLU A 135 6.36 -15.04 -22.43
CA GLU A 135 5.90 -16.38 -22.06
C GLU A 135 4.88 -16.32 -20.93
N LEU A 136 4.52 -15.12 -20.51
CA LEU A 136 3.54 -14.94 -19.47
C LEU A 136 2.19 -15.52 -19.92
N GLY A 137 1.47 -16.14 -18.97
CA GLY A 137 0.17 -16.78 -19.23
C GLY A 137 -1.01 -15.80 -19.33
N VAL A 138 -0.84 -14.71 -20.09
CA VAL A 138 -1.95 -13.85 -20.47
C VAL A 138 -1.89 -13.61 -21.99
N GLU A 139 -3.06 -13.36 -22.59
CA GLU A 139 -3.21 -13.35 -24.05
C GLU A 139 -4.41 -12.49 -24.46
N ALA A 140 -4.28 -11.90 -25.64
CA ALA A 140 -5.36 -11.26 -26.39
C ALA A 140 -5.91 -12.31 -27.34
N LYS A 141 -6.99 -12.99 -26.94
CA LYS A 141 -7.63 -13.97 -27.77
C LYS A 141 -8.14 -13.30 -29.06
N ASP A 142 -8.57 -12.04 -28.95
CA ASP A 142 -8.74 -11.07 -30.07
C ASP A 142 -8.49 -9.66 -29.49
N ASP A 143 -8.70 -8.60 -30.26
CA ASP A 143 -8.31 -7.27 -29.78
C ASP A 143 -9.08 -6.84 -28.53
N TYR A 144 -10.23 -7.46 -28.23
CA TYR A 144 -11.09 -6.98 -27.18
C TYR A 144 -11.41 -8.11 -26.20
N THR A 145 -10.65 -9.20 -26.25
CA THR A 145 -10.76 -10.31 -25.29
C THR A 145 -9.37 -10.61 -24.70
N PHE A 146 -9.20 -10.32 -23.39
CA PHE A 146 -8.00 -10.52 -22.63
C PHE A 146 -8.22 -11.69 -21.66
N VAL A 147 -7.39 -12.73 -21.77
CA VAL A 147 -7.56 -13.95 -20.96
C VAL A 147 -6.32 -14.14 -20.09
N VAL A 148 -6.58 -14.51 -18.83
CA VAL A 148 -5.57 -14.69 -17.81
C VAL A 148 -5.63 -16.16 -17.36
N HIS A 149 -4.49 -16.84 -17.40
CA HIS A 149 -4.38 -18.26 -17.06
C HIS A 149 -3.53 -18.44 -15.80
N ALA A 150 -4.17 -18.94 -14.74
CA ALA A 150 -3.56 -19.18 -13.45
C ALA A 150 -3.31 -20.68 -13.23
N THR A 151 -2.20 -21.00 -12.57
CA THR A 151 -1.74 -22.36 -12.36
C THR A 151 -2.40 -22.96 -11.11
N ASN A 152 -2.93 -22.10 -10.23
CA ASN A 152 -3.70 -22.54 -9.08
C ASN A 152 -5.00 -21.77 -9.02
N PRO A 153 -6.04 -22.32 -8.36
CA PRO A 153 -7.25 -21.57 -8.08
C PRO A 153 -7.03 -20.24 -7.33
N VAL A 154 -7.56 -19.14 -7.88
CA VAL A 154 -7.49 -17.81 -7.31
C VAL A 154 -8.90 -17.20 -7.34
N PRO A 155 -9.83 -17.64 -6.47
CA PRO A 155 -11.22 -17.18 -6.54
C PRO A 155 -11.42 -15.68 -6.29
N TYR A 156 -10.42 -15.01 -5.71
CA TYR A 156 -10.48 -13.59 -5.39
C TYR A 156 -9.71 -12.76 -6.45
N ALA A 157 -9.59 -13.30 -7.67
CA ALA A 157 -8.72 -12.74 -8.74
C ALA A 157 -9.20 -11.36 -9.20
N VAL A 158 -10.51 -11.19 -9.36
CA VAL A 158 -11.05 -9.95 -9.90
C VAL A 158 -10.54 -8.79 -9.03
N SER A 159 -10.65 -8.95 -7.71
CA SER A 159 -10.30 -7.89 -6.78
C SER A 159 -8.83 -7.50 -6.92
N LEU A 160 -7.97 -8.47 -7.22
CA LEU A 160 -6.56 -8.19 -7.44
C LEU A 160 -6.35 -7.26 -8.64
N THR A 161 -7.24 -7.34 -9.64
CA THR A 161 -7.04 -6.63 -10.90
C THR A 161 -7.20 -5.11 -10.73
N THR A 162 -7.72 -4.66 -9.58
CA THR A 162 -7.95 -3.24 -9.35
C THR A 162 -6.68 -2.51 -8.92
N HIS A 163 -5.58 -3.24 -8.74
CA HIS A 163 -4.34 -2.68 -8.19
C HIS A 163 -3.63 -1.81 -9.25
N GLN A 164 -2.88 -0.81 -8.79
CA GLN A 164 -2.21 0.15 -9.68
C GLN A 164 -1.19 -0.54 -10.60
N SER A 165 -0.58 -1.63 -10.13
CA SER A 165 0.46 -2.34 -10.89
C SER A 165 -0.14 -3.03 -12.13
N LEU A 166 -1.45 -3.35 -12.09
CA LEU A 166 -2.11 -4.01 -13.21
C LEU A 166 -2.87 -3.02 -14.11
N LEU A 167 -2.59 -1.72 -13.98
CA LEU A 167 -3.17 -0.73 -14.89
C LEU A 167 -2.56 -0.98 -16.27
N PRO A 168 -3.33 -0.80 -17.38
CA PRO A 168 -2.77 -0.96 -18.72
C PRO A 168 -1.91 0.27 -19.04
N LEU A 169 -1.10 0.18 -20.08
CA LEU A 169 -0.29 1.32 -20.59
C LEU A 169 -0.54 1.42 -22.09
N PRO A 170 -0.40 2.63 -22.69
CA PRO A 170 -0.52 2.76 -24.14
C PRO A 170 0.74 2.23 -24.85
N GLN A 171 0.70 0.96 -25.23
CA GLN A 171 1.78 0.25 -25.87
C GLN A 171 2.43 1.08 -26.98
N LYS A 172 1.65 1.62 -27.91
CA LYS A 172 2.18 2.35 -29.04
C LYS A 172 2.96 3.58 -28.57
N VAL A 173 2.49 4.25 -27.52
CA VAL A 173 3.19 5.44 -27.01
C VAL A 173 4.45 5.03 -26.25
N VAL A 174 4.34 4.01 -25.40
CA VAL A 174 5.43 3.62 -24.52
C VAL A 174 6.59 3.04 -25.34
N GLU A 175 6.26 2.31 -26.42
CA GLU A 175 7.21 1.73 -27.33
C GLU A 175 7.95 2.82 -28.12
N LYS A 176 7.23 3.87 -28.52
CA LYS A 176 7.85 4.95 -29.28
C LYS A 176 8.80 5.76 -28.39
N LEU A 177 8.43 5.98 -27.11
CA LEU A 177 9.02 7.05 -26.28
C LEU A 177 9.87 6.48 -25.14
N GLY A 178 9.74 5.20 -24.85
CA GLY A 178 10.38 4.60 -23.69
C GLY A 178 9.84 5.15 -22.39
N ASP A 179 10.73 5.33 -21.41
CA ASP A 179 10.35 5.75 -20.06
C ASP A 179 10.00 7.24 -20.04
N ALA A 180 10.24 7.95 -21.15
CA ALA A 180 9.89 9.39 -21.34
C ALA A 180 8.39 9.58 -21.65
N TRP A 181 7.63 8.49 -21.66
CA TRP A 181 6.18 8.52 -21.89
C TRP A 181 5.46 9.16 -20.71
N VAL A 182 6.08 9.16 -19.51
CA VAL A 182 5.41 9.67 -18.32
C VAL A 182 5.53 11.19 -18.21
N LYS A 183 6.32 11.84 -19.07
CA LYS A 183 6.40 13.29 -19.06
C LYS A 183 5.00 13.85 -19.29
N LYS A 184 4.62 14.91 -18.55
CA LYS A 184 3.27 15.50 -18.63
C LYS A 184 2.90 15.74 -20.10
N GLU A 185 3.90 16.10 -20.92
CA GLU A 185 3.70 16.45 -22.33
C GLU A 185 3.29 15.24 -23.17
N ASN A 186 3.65 14.03 -22.72
CA ASN A 186 3.52 12.83 -23.52
C ASN A 186 2.51 11.85 -22.89
N TYR A 187 2.06 12.09 -21.65
CA TYR A 187 1.37 11.11 -20.86
C TYR A 187 0.02 10.83 -21.53
N VAL A 188 -0.24 9.56 -21.84
CA VAL A 188 -1.50 9.14 -22.40
C VAL A 188 -2.08 8.09 -21.45
N GLY A 189 -3.38 8.21 -21.14
CA GLY A 189 -4.07 7.32 -20.20
C GLY A 189 -5.53 7.09 -20.60
N ASN A 190 -6.19 6.18 -19.88
CA ASN A 190 -7.55 5.73 -20.18
C ASN A 190 -8.48 5.89 -18.96
N GLY A 191 -8.04 6.68 -17.98
CA GLY A 191 -8.84 7.01 -16.78
C GLY A 191 -9.66 8.28 -16.99
N ALA A 192 -10.29 8.74 -15.91
CA ALA A 192 -11.26 9.79 -16.02
C ALA A 192 -10.61 11.17 -16.18
N TYR A 193 -9.30 11.31 -15.89
CA TYR A 193 -8.64 12.62 -15.86
C TYR A 193 -7.34 12.57 -16.65
N LYS A 194 -6.73 13.75 -16.84
CA LYS A 194 -5.41 13.81 -17.46
C LYS A 194 -4.60 14.94 -16.81
N LEU A 195 -3.28 14.95 -17.01
CA LEU A 195 -2.43 15.92 -16.32
C LEU A 195 -2.55 17.27 -17.03
N ALA A 196 -2.94 18.31 -16.28
CA ALA A 196 -2.96 19.69 -16.72
C ALA A 196 -1.64 20.37 -16.35
N ASN A 197 -1.12 20.06 -15.16
CA ASN A 197 0.11 20.66 -14.65
C ASN A 197 0.72 19.82 -13.52
N HIS A 198 2.05 19.93 -13.41
CA HIS A 198 2.84 19.28 -12.38
C HIS A 198 3.99 20.21 -11.99
N ILE A 199 3.93 20.75 -10.78
CA ILE A 199 5.05 21.47 -10.20
C ILE A 199 5.59 20.63 -9.04
N ILE A 200 6.85 20.23 -9.17
CA ILE A 200 7.51 19.38 -8.19
C ILE A 200 7.46 20.02 -6.79
N ASN A 201 6.94 19.23 -5.84
CA ASN A 201 6.85 19.55 -4.40
C ASN A 201 5.75 20.58 -4.11
N GLU A 202 4.85 20.83 -5.06
CA GLU A 202 3.85 21.90 -4.91
C GLU A 202 2.44 21.38 -5.25
N LYS A 203 2.19 21.06 -6.52
CA LYS A 203 0.86 20.66 -6.92
C LYS A 203 0.89 19.81 -8.19
N ILE A 204 -0.08 18.89 -8.23
CA ILE A 204 -0.49 18.24 -9.48
C ILE A 204 -1.92 18.70 -9.81
N GLU A 205 -2.14 19.07 -11.06
CA GLU A 205 -3.46 19.55 -11.53
C GLU A 205 -4.01 18.58 -12.59
N PHE A 206 -5.25 18.14 -12.35
CA PHE A 206 -6.03 17.26 -13.19
C PHE A 206 -7.16 18.01 -13.91
N GLU A 207 -7.46 17.55 -15.13
CA GLU A 207 -8.60 18.00 -15.97
C GLU A 207 -9.28 16.75 -16.49
N ARG A 208 -10.57 16.88 -16.80
CA ARG A 208 -11.32 15.82 -17.44
C ARG A 208 -10.53 15.24 -18.61
N ASN A 209 -10.58 13.90 -18.72
CA ASN A 209 -10.25 13.19 -19.93
C ASN A 209 -11.56 12.93 -20.66
N PRO A 210 -11.87 13.75 -21.70
CA PRO A 210 -13.14 13.64 -22.39
C PRO A 210 -13.29 12.35 -23.22
N LEU A 211 -12.21 11.62 -23.47
CA LEU A 211 -12.34 10.35 -24.20
C LEU A 211 -12.52 9.18 -23.21
N TYR A 212 -12.52 9.44 -21.91
CA TYR A 212 -12.85 8.39 -20.95
C TYR A 212 -14.21 7.77 -21.35
N TRP A 213 -14.29 6.45 -21.48
CA TRP A 213 -15.54 5.75 -21.78
C TRP A 213 -16.68 6.20 -20.85
N ASN A 214 -16.43 6.56 -19.60
CA ASN A 214 -17.54 6.92 -18.69
C ASN A 214 -17.53 8.42 -18.34
N ASP A 215 -16.96 9.25 -19.23
CA ASP A 215 -16.85 10.68 -18.99
C ASP A 215 -18.22 11.29 -18.66
N LYS A 216 -19.29 10.79 -19.27
CA LYS A 216 -20.65 11.32 -19.02
C LYS A 216 -21.11 11.18 -17.56
N GLU A 217 -20.45 10.36 -16.72
CA GLU A 217 -20.82 10.26 -15.32
C GLU A 217 -19.81 10.98 -14.42
N THR A 218 -18.67 11.38 -14.97
CA THR A 218 -17.71 12.16 -14.22
C THR A 218 -18.33 13.54 -13.90
N VAL A 219 -18.19 14.01 -12.65
CA VAL A 219 -18.77 15.27 -12.20
C VAL A 219 -17.66 16.32 -11.95
N ILE A 220 -16.62 15.96 -11.20
CA ILE A 220 -15.51 16.90 -10.91
C ILE A 220 -14.81 17.23 -12.25
N ASN A 221 -14.75 18.52 -12.59
CA ASN A 221 -14.16 18.99 -13.85
C ASN A 221 -12.64 19.13 -13.71
N SER A 222 -12.18 19.57 -12.54
CA SER A 222 -10.77 19.78 -12.29
C SER A 222 -10.45 19.52 -10.81
N ALA A 223 -9.17 19.26 -10.52
CA ALA A 223 -8.77 18.99 -9.16
C ALA A 223 -7.28 19.29 -9.03
N THR A 224 -6.87 19.55 -7.78
CA THR A 224 -5.49 19.78 -7.45
C THR A 224 -5.11 18.82 -6.32
N PHE A 225 -3.97 18.14 -6.48
CA PHE A 225 -3.37 17.37 -5.43
C PHE A 225 -2.21 18.19 -4.86
N LEU A 226 -2.22 18.39 -3.54
CA LEU A 226 -1.08 19.03 -2.85
C LEU A 226 -0.16 17.94 -2.26
N ALA A 227 1.04 18.39 -1.81
CA ALA A 227 2.11 17.52 -1.28
C ALA A 227 2.56 18.02 0.10
N ILE A 228 1.60 18.11 1.01
CA ILE A 228 1.82 18.56 2.37
C ILE A 228 2.14 17.36 3.29
N GLU A 229 3.37 17.32 3.83
CA GLU A 229 3.88 16.16 4.54
C GLU A 229 3.38 16.10 5.98
N ASN A 230 3.13 17.26 6.60
CA ASN A 230 2.84 17.32 8.05
C ASN A 230 1.36 17.54 8.27
N PRO A 231 0.69 16.65 9.02
CA PRO A 231 -0.74 16.81 9.34
C PRO A 231 -1.24 18.15 9.88
N SER A 232 -0.49 18.79 10.79
CA SER A 232 -0.82 20.17 11.27
C SER A 232 -0.86 21.17 10.12
N THR A 233 0.06 21.05 9.15
CA THR A 233 0.03 21.93 7.99
C THR A 233 -1.21 21.62 7.18
N ASP A 234 -1.46 20.32 7.01
CA ASP A 234 -2.66 19.81 6.35
C ASP A 234 -3.88 20.48 6.99
N VAL A 235 -4.01 20.34 8.32
CA VAL A 235 -5.20 20.77 9.04
C VAL A 235 -5.34 22.29 8.96
N ALA A 236 -4.22 23.04 9.05
CA ALA A 236 -4.32 24.50 9.00
C ALA A 236 -4.89 24.96 7.64
N ARG A 237 -4.47 24.31 6.55
CA ARG A 237 -4.90 24.68 5.19
C ARG A 237 -6.39 24.40 4.98
N TYR A 238 -6.84 23.27 5.54
CA TYR A 238 -8.25 22.91 5.52
C TYR A 238 -9.08 24.02 6.19
N ARG A 239 -8.64 24.41 7.40
CA ARG A 239 -9.29 25.43 8.24
C ARG A 239 -9.29 26.79 7.52
N ALA A 240 -8.18 27.16 6.89
CA ALA A 240 -8.11 28.37 6.07
C ALA A 240 -9.04 28.26 4.86
N GLY A 241 -9.56 27.06 4.60
CA GLY A 241 -10.41 26.78 3.46
C GLY A 241 -9.63 26.75 2.15
N ASP A 242 -8.35 26.38 2.19
CA ASP A 242 -7.53 26.29 0.98
C ASP A 242 -7.39 24.84 0.48
N LEU A 243 -8.03 23.88 1.14
CA LEU A 243 -8.19 22.53 0.60
C LEU A 243 -9.42 21.88 1.23
N ASP A 244 -9.91 20.85 0.56
CA ASP A 244 -11.23 20.32 0.76
C ASP A 244 -11.18 18.95 1.44
N MET A 245 -10.10 18.18 1.21
CA MET A 245 -9.85 16.90 1.93
C MET A 245 -8.37 16.81 2.31
N THR A 246 -8.13 16.48 3.57
CA THR A 246 -6.79 16.19 4.07
C THR A 246 -6.39 14.80 3.59
N SER A 247 -5.09 14.52 3.72
CA SER A 247 -4.55 13.19 3.65
C SER A 247 -5.05 12.41 4.89
N TYR A 248 -4.56 11.19 5.07
CA TYR A 248 -5.16 10.26 6.04
C TYR A 248 -4.38 10.26 7.36
N GLY A 249 -3.66 11.35 7.67
CA GLY A 249 -3.11 11.58 9.05
C GLY A 249 -3.58 12.89 9.67
N LEU A 250 -3.93 12.85 10.97
CA LEU A 250 -4.33 14.06 11.71
C LEU A 250 -3.51 14.17 13.00
N PRO A 251 -3.20 15.41 13.46
CA PRO A 251 -2.47 15.63 14.71
C PRO A 251 -3.20 15.02 15.91
N PRO A 252 -2.57 14.12 16.69
CA PRO A 252 -3.26 13.48 17.83
C PRO A 252 -3.72 14.49 18.90
N GLU A 253 -3.01 15.61 19.05
CA GLU A 253 -3.29 16.62 20.11
C GLU A 253 -4.59 17.38 19.76
N GLN A 254 -4.75 17.76 18.49
CA GLN A 254 -5.88 18.57 17.99
C GLN A 254 -7.14 17.70 17.81
N PHE A 255 -6.97 16.38 17.83
CA PHE A 255 -7.94 15.46 17.23
C PHE A 255 -9.30 15.47 17.96
N ALA A 256 -9.30 15.31 19.28
CA ALA A 256 -10.56 15.31 20.10
C ALA A 256 -11.34 16.63 19.88
N LYS A 257 -10.58 17.74 19.77
CA LYS A 257 -11.12 19.06 19.48
C LYS A 257 -11.75 19.07 18.07
N LEU A 258 -10.97 18.71 17.06
CA LEU A 258 -11.45 18.71 15.67
C LEU A 258 -12.78 17.94 15.57
N LYS A 259 -12.86 16.78 16.24
CA LYS A 259 -14.05 15.94 16.20
C LYS A 259 -15.28 16.76 16.60
N LYS A 260 -15.18 17.48 17.72
CA LYS A 260 -16.34 18.17 18.28
C LYS A 260 -16.55 19.52 17.56
N GLU A 261 -15.47 20.25 17.26
CA GLU A 261 -15.57 21.57 16.62
C GLU A 261 -16.03 21.44 15.17
N LEU A 262 -15.49 20.44 14.43
CA LEU A 262 -15.78 20.27 13.00
C LEU A 262 -16.65 19.04 12.78
N LEU A 263 -17.70 18.91 13.60
CA LEU A 263 -18.51 17.72 13.66
C LEU A 263 -19.04 17.41 12.26
N GLY A 264 -18.97 16.13 11.86
CA GLY A 264 -19.44 15.66 10.56
C GLY A 264 -18.36 15.76 9.48
N GLU A 265 -17.32 16.56 9.70
CA GLU A 265 -16.21 16.67 8.75
C GLU A 265 -15.09 15.68 9.09
N VAL A 266 -15.08 15.13 10.31
CA VAL A 266 -14.03 14.18 10.69
C VAL A 266 -14.50 12.79 10.26
N TYR A 267 -13.77 12.19 9.32
CA TYR A 267 -13.95 10.82 8.92
C TYR A 267 -12.82 9.98 9.50
N VAL A 268 -13.19 8.77 9.91
CA VAL A 268 -12.24 7.81 10.43
C VAL A 268 -12.61 6.46 9.81
N THR A 269 -11.92 6.11 8.72
CA THR A 269 -12.10 4.81 8.06
C THR A 269 -11.21 3.75 8.72
N ARG A 270 -11.84 2.65 9.17
CA ARG A 270 -11.16 1.42 9.59
C ARG A 270 -10.53 0.78 8.36
N THR A 271 -9.19 0.70 8.28
CA THR A 271 -8.56 0.22 7.07
C THR A 271 -7.81 -1.09 7.34
N LEU A 272 -7.62 -1.82 6.23
CA LEU A 272 -6.86 -3.03 6.17
C LEU A 272 -5.39 -2.65 6.00
N GLY A 273 -4.79 -2.26 7.13
CA GLY A 273 -3.42 -1.75 7.18
C GLY A 273 -2.74 -2.08 8.50
N THR A 274 -1.42 -2.31 8.41
CA THR A 274 -0.56 -2.56 9.55
C THR A 274 0.61 -1.58 9.46
N TYR A 275 0.84 -0.89 10.57
CA TYR A 275 1.99 -0.02 10.83
C TYR A 275 3.03 -0.83 11.61
N SER A 276 4.29 -0.80 11.15
CA SER A 276 5.37 -1.59 11.74
C SER A 276 6.69 -0.81 11.73
N TYR A 277 7.64 -1.30 12.54
CA TYR A 277 9.06 -1.07 12.29
C TYR A 277 9.62 -2.35 11.67
N GLU A 278 10.11 -2.20 10.45
CA GLU A 278 10.73 -3.26 9.68
C GLU A 278 12.21 -3.31 10.07
N LEU A 279 12.69 -4.52 10.40
CA LEU A 279 14.09 -4.77 10.74
C LEU A 279 14.82 -5.33 9.52
N ASN A 280 15.95 -4.73 9.16
CA ASN A 280 16.78 -5.19 8.05
C ASN A 280 17.42 -6.55 8.38
N ASN A 281 16.80 -7.65 7.91
CA ASN A 281 17.13 -9.01 8.42
C ASN A 281 18.50 -9.53 7.93
N LYS A 282 19.16 -8.84 6.99
CA LYS A 282 20.44 -9.30 6.46
C LYS A 282 21.57 -8.30 6.78
N LYS A 283 21.32 -7.35 7.68
CA LYS A 283 22.31 -6.37 8.14
C LYS A 283 22.59 -6.62 9.62
N ALA A 284 23.88 -6.62 10.00
CA ALA A 284 24.25 -6.77 11.38
C ALA A 284 23.72 -5.57 12.16
N PRO A 285 23.11 -5.75 13.34
CA PRO A 285 22.98 -7.04 14.00
C PRO A 285 21.56 -7.65 13.98
N PHE A 286 20.71 -7.17 13.06
CA PHE A 286 19.29 -7.55 12.98
C PHE A 286 19.09 -8.90 12.29
N ASP A 287 20.19 -9.46 11.76
CA ASP A 287 20.26 -10.84 11.32
C ASP A 287 20.24 -11.79 12.54
N ASN A 288 20.45 -11.27 13.76
CA ASN A 288 20.37 -12.05 15.01
C ASN A 288 18.91 -12.10 15.49
N VAL A 289 18.31 -13.28 15.42
CA VAL A 289 16.92 -13.44 15.90
C VAL A 289 16.77 -12.92 17.34
N ASN A 290 17.80 -13.11 18.17
CA ASN A 290 17.73 -12.77 19.58
C ASN A 290 17.50 -11.27 19.77
N ILE A 291 18.15 -10.47 18.91
CA ILE A 291 18.07 -9.02 19.00
C ILE A 291 16.72 -8.55 18.46
N ARG A 292 16.25 -9.18 17.37
CA ARG A 292 14.92 -8.91 16.84
C ARG A 292 13.87 -9.22 17.91
N LYS A 293 14.07 -10.29 18.71
CA LYS A 293 13.09 -10.66 19.76
C LYS A 293 13.09 -9.61 20.87
N ALA A 294 14.27 -9.11 21.23
CA ALA A 294 14.42 -8.15 22.31
C ALA A 294 13.54 -6.92 22.03
N LEU A 295 13.70 -6.39 20.81
CA LEU A 295 13.03 -5.16 20.34
C LEU A 295 11.51 -5.36 20.43
N ASN A 296 11.05 -6.54 20.02
CA ASN A 296 9.63 -6.84 20.07
C ASN A 296 9.16 -6.87 21.52
N LEU A 297 9.92 -7.52 22.41
CA LEU A 297 9.47 -7.69 23.80
C LEU A 297 9.33 -6.32 24.47
N SER A 298 10.31 -5.45 24.20
CA SER A 298 10.50 -4.27 24.97
C SER A 298 9.66 -3.09 24.45
N LEU A 299 8.96 -3.23 23.31
CA LEU A 299 8.18 -2.11 22.78
C LEU A 299 6.70 -2.28 23.19
N ASP A 300 6.20 -1.28 23.94
CA ASP A 300 4.81 -1.29 24.39
C ASP A 300 3.93 -0.61 23.35
N ARG A 301 3.12 -1.43 22.66
CA ARG A 301 2.21 -0.98 21.60
C ARG A 301 1.13 -0.04 22.16
N ASN A 302 0.59 -0.35 23.35
CA ASN A 302 -0.55 0.40 23.90
C ASN A 302 -0.11 1.84 24.17
N VAL A 303 1.17 2.06 24.49
CA VAL A 303 1.66 3.39 24.69
C VAL A 303 1.42 4.19 23.40
N ILE A 304 1.71 3.59 22.25
CA ILE A 304 1.65 4.32 20.96
C ILE A 304 0.19 4.50 20.53
N THR A 305 -0.62 3.44 20.63
CA THR A 305 -2.00 3.52 20.15
C THR A 305 -2.82 4.44 21.05
N ASP A 306 -2.58 4.39 22.36
CA ASP A 306 -3.44 5.03 23.35
C ASP A 306 -2.94 6.42 23.75
N LYS A 307 -1.62 6.62 23.86
CA LYS A 307 -1.12 7.85 24.43
C LYS A 307 -0.47 8.74 23.35
N VAL A 308 0.21 8.14 22.37
CA VAL A 308 0.87 8.96 21.35
C VAL A 308 -0.14 9.35 20.27
N LEU A 309 -1.00 8.40 19.85
CA LEU A 309 -1.99 8.65 18.77
C LEU A 309 -3.42 8.83 19.32
N GLY A 310 -3.99 7.75 19.86
CA GLY A 310 -5.32 7.76 20.48
C GLY A 310 -6.44 8.16 19.53
N GLN A 311 -6.39 7.73 18.26
CA GLN A 311 -7.39 8.08 17.24
C GLN A 311 -8.23 6.85 16.86
N GLY A 312 -7.96 5.70 17.48
CA GLY A 312 -8.68 4.44 17.18
C GLY A 312 -7.77 3.35 16.64
N GLN A 313 -6.50 3.69 16.33
CA GLN A 313 -5.51 2.69 15.99
C GLN A 313 -5.51 1.62 17.09
N THR A 314 -5.48 0.34 16.71
CA THR A 314 -5.52 -0.79 17.65
C THR A 314 -4.18 -1.52 17.64
N PRO A 315 -3.66 -1.92 18.83
CA PRO A 315 -2.38 -2.62 18.93
C PRO A 315 -2.40 -4.01 18.29
N THR A 316 -1.27 -4.41 17.68
CA THR A 316 -1.14 -5.71 17.05
C THR A 316 0.32 -6.15 17.09
N TYR A 317 0.50 -7.47 17.09
CA TYR A 317 1.80 -8.10 17.21
C TYR A 317 2.03 -9.06 16.04
N VAL A 318 1.17 -9.02 15.02
CA VAL A 318 1.32 -9.81 13.77
C VAL A 318 1.18 -8.83 12.60
N PHE A 319 1.49 -9.29 11.39
CA PHE A 319 1.53 -8.43 10.20
C PHE A 319 0.13 -8.29 9.60
N THR A 320 -0.50 -9.44 9.33
CA THR A 320 -1.86 -9.48 8.79
C THR A 320 -2.85 -8.91 9.79
N PRO A 321 -3.79 -8.03 9.36
CA PRO A 321 -4.90 -7.63 10.23
C PRO A 321 -5.80 -8.87 10.36
N THR A 322 -6.08 -9.32 11.58
CA THR A 322 -6.85 -10.57 11.77
C THR A 322 -8.30 -10.43 11.29
N TYR A 323 -8.78 -9.19 11.11
CA TYR A 323 -10.16 -8.92 10.64
C TYR A 323 -10.25 -8.97 9.11
N ILE A 324 -9.13 -9.15 8.39
CA ILE A 324 -9.19 -9.34 6.94
C ILE A 324 -9.84 -10.69 6.64
N GLU A 325 -10.37 -10.81 5.42
CA GLU A 325 -11.03 -12.01 4.96
C GLU A 325 -10.02 -13.18 4.95
N GLU A 326 -10.37 -14.22 5.71
CA GLU A 326 -9.63 -15.46 5.87
C GLU A 326 -8.43 -15.25 6.82
N GLY A 327 -8.46 -14.18 7.63
CA GLY A 327 -7.42 -13.88 8.60
C GLY A 327 -7.78 -14.33 10.01
N HIS A 328 -8.99 -14.91 10.18
CA HIS A 328 -9.63 -15.07 11.50
C HIS A 328 -8.90 -16.11 12.37
N LEU A 329 -8.13 -17.03 11.78
CA LEU A 329 -7.40 -18.03 12.59
C LEU A 329 -6.03 -17.50 13.06
N ILE A 330 -5.54 -16.37 12.50
CA ILE A 330 -4.26 -15.84 12.93
C ILE A 330 -4.34 -15.51 14.44
N GLN A 331 -3.37 -15.98 15.23
CA GLN A 331 -3.31 -15.75 16.68
C GLN A 331 -2.29 -14.65 17.00
N GLN A 332 -2.60 -13.81 17.99
CA GLN A 332 -1.59 -12.90 18.56
C GLN A 332 -0.57 -13.76 19.34
N PRO A 333 0.74 -13.45 19.27
CA PRO A 333 1.76 -14.28 19.93
C PRO A 333 1.68 -14.19 21.47
N ALA A 334 2.13 -15.24 22.16
CA ALA A 334 1.92 -15.43 23.61
C ALA A 334 2.50 -14.26 24.42
N TYR A 335 3.67 -13.74 24.02
CA TYR A 335 4.36 -12.71 24.80
C TYR A 335 3.52 -11.44 24.92
N SER A 336 2.65 -11.20 23.95
CA SER A 336 1.80 -9.99 23.96
C SER A 336 0.87 -10.01 25.18
N LYS A 337 0.62 -11.20 25.74
CA LYS A 337 -0.24 -11.37 26.93
C LYS A 337 0.54 -11.26 28.25
N GLU A 338 1.88 -11.15 28.19
CA GLU A 338 2.71 -11.08 29.38
C GLU A 338 2.83 -9.64 29.85
N PRO A 339 2.91 -9.42 31.19
CA PRO A 339 3.27 -8.13 31.76
C PRO A 339 4.51 -7.53 31.10
N MET A 340 4.57 -6.20 31.00
CA MET A 340 5.70 -5.53 30.37
C MET A 340 6.99 -5.82 31.16
N ALA A 341 6.88 -5.91 32.49
CA ALA A 341 8.06 -6.11 33.36
C ALA A 341 8.71 -7.48 33.06
N GLN A 342 7.87 -8.50 32.86
CA GLN A 342 8.33 -9.82 32.45
C GLN A 342 8.95 -9.72 31.04
N ARG A 343 8.29 -8.98 30.13
CA ARG A 343 8.79 -8.76 28.75
C ARG A 343 10.16 -8.04 28.78
N ASN A 344 10.27 -7.03 29.65
CA ASN A 344 11.45 -6.12 29.66
C ASN A 344 12.68 -6.86 30.23
N GLU A 345 12.45 -7.74 31.21
CA GLU A 345 13.53 -8.56 31.80
C GLU A 345 14.11 -9.51 30.75
N GLU A 346 13.25 -10.18 29.99
CA GLU A 346 13.66 -11.08 28.89
C GLU A 346 14.50 -10.30 27.86
N ALA A 347 14.07 -9.08 27.53
CA ALA A 347 14.73 -8.29 26.48
C ALA A 347 16.16 -7.94 26.90
N ILE A 348 16.29 -7.53 28.17
CA ILE A 348 17.59 -7.15 28.76
C ILE A 348 18.55 -8.35 28.78
N LYS A 349 18.10 -9.51 29.25
CA LYS A 349 18.89 -10.75 29.20
C LYS A 349 19.40 -11.01 27.78
N LEU A 350 18.49 -11.02 26.79
CA LEU A 350 18.82 -11.23 25.35
C LEU A 350 19.87 -10.20 24.91
N LEU A 351 19.69 -8.93 25.27
CA LEU A 351 20.64 -7.87 24.84
C LEU A 351 21.99 -8.05 25.52
N GLU A 352 21.96 -8.51 26.78
CA GLU A 352 23.20 -8.73 27.52
C GLU A 352 23.94 -9.93 26.92
N GLU A 353 23.17 -10.96 26.56
CA GLU A 353 23.69 -12.17 25.93
C GLU A 353 24.36 -11.83 24.58
N ALA A 354 23.88 -10.78 23.92
CA ALA A 354 24.41 -10.30 22.64
C ALA A 354 25.52 -9.27 22.87
N GLY A 355 25.86 -9.01 24.14
CA GLY A 355 27.04 -8.24 24.51
C GLY A 355 26.81 -6.73 24.55
N TYR A 356 25.57 -6.29 24.78
CA TYR A 356 25.26 -4.86 24.96
C TYR A 356 25.23 -4.53 26.45
N SER A 357 25.57 -3.27 26.76
CA SER A 357 25.67 -2.74 28.14
C SER A 357 25.25 -1.27 28.12
N LYS A 358 25.11 -0.66 29.30
CA LYS A 358 24.84 0.77 29.41
C LYS A 358 26.02 1.57 28.84
N ALA A 359 27.24 1.03 28.97
CA ALA A 359 28.43 1.64 28.40
C ALA A 359 28.45 1.44 26.89
N ASN A 360 28.06 0.24 26.42
CA ASN A 360 28.13 -0.10 24.99
C ASN A 360 26.76 -0.59 24.53
N PRO A 361 25.82 0.33 24.32
CA PRO A 361 24.45 -0.03 23.98
C PRO A 361 24.28 -0.37 22.49
N LEU A 362 23.19 -1.07 22.18
CA LEU A 362 22.78 -1.30 20.81
C LEU A 362 22.34 0.04 20.22
N LYS A 363 23.09 0.54 19.24
CA LYS A 363 22.86 1.85 18.64
C LYS A 363 22.32 1.66 17.21
N PHE A 364 21.20 2.31 16.90
CA PHE A 364 20.69 2.31 15.53
C PHE A 364 19.76 3.52 15.30
N SER A 365 19.46 3.76 14.02
CA SER A 365 18.57 4.81 13.53
C SER A 365 17.23 4.21 13.07
N ILE A 366 16.13 4.86 13.46
CA ILE A 366 14.81 4.72 12.84
C ILE A 366 14.72 5.67 11.64
N LEU A 367 14.65 5.07 10.44
CA LEU A 367 14.35 5.80 9.21
C LEU A 367 12.82 5.90 9.04
N TYR A 368 12.35 7.12 8.83
CA TYR A 368 10.95 7.38 8.53
C TYR A 368 10.87 8.50 7.49
N ASN A 369 9.72 8.55 6.80
CA ASN A 369 9.42 9.60 5.84
C ASN A 369 8.93 10.81 6.64
N THR A 370 9.55 11.98 6.37
CA THR A 370 9.23 13.29 6.99
C THR A 370 7.73 13.46 7.19
N ASN A 371 7.31 13.64 8.45
CA ASN A 371 5.89 13.56 8.86
C ASN A 371 5.87 13.58 10.40
N GLU A 372 5.22 14.59 10.96
CA GLU A 372 5.35 14.91 12.35
C GLU A 372 4.75 13.76 13.17
N ASN A 373 3.71 13.09 12.66
CA ASN A 373 3.08 11.96 13.40
C ASN A 373 4.07 10.80 13.51
N HIS A 374 4.82 10.54 12.42
CA HIS A 374 5.84 9.50 12.40
C HIS A 374 6.98 9.83 13.36
N LYS A 375 7.36 11.12 13.39
CA LYS A 375 8.38 11.59 14.29
C LYS A 375 7.94 11.36 15.73
N LYS A 376 6.67 11.66 16.02
CA LYS A 376 6.13 11.44 17.35
C LYS A 376 6.22 9.97 17.73
N VAL A 377 5.86 9.07 16.81
CA VAL A 377 5.89 7.62 17.10
C VAL A 377 7.36 7.15 17.28
N ALA A 378 8.28 7.65 16.45
CA ALA A 378 9.69 7.32 16.54
C ALA A 378 10.26 7.73 17.90
N ILE A 379 9.96 8.96 18.33
CA ILE A 379 10.47 9.48 19.60
C ILE A 379 9.98 8.59 20.74
N ALA A 380 8.71 8.18 20.70
CA ALA A 380 8.14 7.31 21.76
C ALA A 380 8.84 5.94 21.78
N ALA A 381 9.03 5.36 20.58
CA ALA A 381 9.65 4.04 20.47
C ALA A 381 11.07 4.10 21.04
N ALA A 382 11.86 5.07 20.55
CA ALA A 382 13.22 5.33 20.99
C ALA A 382 13.23 5.47 22.51
N SER A 383 12.27 6.24 23.02
CA SER A 383 12.15 6.50 24.41
C SER A 383 11.84 5.19 25.15
N MET A 384 10.85 4.42 24.69
CA MET A 384 10.47 3.16 25.35
C MET A 384 11.64 2.15 25.35
N TRP A 385 12.39 2.09 24.25
CA TRP A 385 13.45 1.10 24.09
C TRP A 385 14.62 1.41 25.03
N LYS A 386 15.00 2.69 25.19
CA LYS A 386 16.08 3.05 26.12
C LYS A 386 15.66 2.72 27.55
N ALA A 387 14.53 3.28 27.99
CA ALA A 387 14.05 3.16 29.37
C ALA A 387 13.75 1.71 29.74
N ASN A 388 13.01 0.99 28.88
CA ASN A 388 12.57 -0.39 29.12
C ASN A 388 13.76 -1.36 29.23
N THR A 389 14.91 -1.03 28.61
CA THR A 389 16.08 -1.90 28.69
C THR A 389 17.17 -1.30 29.59
N LYS A 390 16.83 -0.26 30.37
CA LYS A 390 17.76 0.45 31.26
C LYS A 390 19.05 0.83 30.52
N GLY A 391 18.94 1.42 29.32
CA GLY A 391 20.10 2.06 28.64
C GLY A 391 20.86 1.12 27.70
N LEU A 392 20.32 -0.08 27.48
CA LEU A 392 20.98 -1.06 26.60
C LEU A 392 20.68 -0.74 25.12
N ILE A 393 19.66 0.08 24.84
CA ILE A 393 19.37 0.57 23.48
C ILE A 393 19.42 2.10 23.43
N ASP A 394 20.05 2.63 22.38
CA ASP A 394 20.19 4.06 22.11
C ASP A 394 19.83 4.32 20.64
N VAL A 395 18.71 5.01 20.39
CA VAL A 395 18.12 5.16 19.06
C VAL A 395 18.27 6.62 18.58
N LYS A 396 18.68 6.81 17.32
CA LYS A 396 18.57 8.09 16.63
C LYS A 396 17.37 8.05 15.67
N LEU A 397 16.98 9.24 15.20
CA LEU A 397 15.93 9.41 14.22
C LEU A 397 16.57 9.92 12.93
N GLU A 398 16.22 9.29 11.80
CA GLU A 398 16.56 9.76 10.49
C GLU A 398 15.27 9.95 9.69
N ASN A 399 14.92 11.20 9.40
CA ASN A 399 13.78 11.50 8.55
C ASN A 399 14.32 11.71 7.14
N GLN A 400 13.58 11.21 6.14
CA GLN A 400 13.90 11.45 4.73
C GLN A 400 12.60 11.81 3.99
N GLU A 401 12.76 12.57 2.92
CA GLU A 401 11.71 12.82 1.95
C GLU A 401 11.18 11.47 1.43
N TRP A 402 9.86 11.39 1.23
CA TRP A 402 9.11 10.20 0.75
C TRP A 402 9.91 9.40 -0.29
N LYS A 403 10.22 10.02 -1.43
CA LYS A 403 10.92 9.33 -2.50
C LYS A 403 12.25 8.77 -2.00
N THR A 404 12.98 9.54 -1.17
CA THR A 404 14.31 9.14 -0.68
C THR A 404 14.14 8.01 0.35
N TYR A 405 13.07 8.07 1.15
CA TYR A 405 12.79 7.06 2.17
C TYR A 405 12.52 5.71 1.49
N ILE A 406 11.70 5.74 0.42
CA ILE A 406 11.36 4.55 -0.36
C ILE A 406 12.65 3.96 -0.95
N ASP A 407 13.49 4.81 -1.56
CA ASP A 407 14.73 4.34 -2.21
C ASP A 407 15.64 3.64 -1.21
N SER A 408 15.73 4.21 0.02
CA SER A 408 16.61 3.72 1.07
C SER A 408 16.13 2.33 1.54
N ARG A 409 14.83 2.21 1.82
CA ARG A 409 14.26 0.92 2.27
C ARG A 409 14.57 -0.15 1.22
N ARG A 410 14.26 0.18 -0.04
CA ARG A 410 14.38 -0.73 -1.14
C ARG A 410 15.85 -1.13 -1.30
N ALA A 411 16.78 -0.19 -1.10
CA ALA A 411 18.22 -0.44 -1.31
C ALA A 411 18.84 -1.14 -0.09
N GLY A 412 18.12 -1.25 1.03
CA GLY A 412 18.66 -1.89 2.23
C GLY A 412 19.52 -0.95 3.07
N ARG A 413 19.50 0.36 2.77
CA ARG A 413 20.31 1.37 3.48
C ARG A 413 19.53 1.85 4.71
N TYR A 414 19.28 0.93 5.64
CA TYR A 414 18.56 1.23 6.86
C TYR A 414 18.82 0.10 7.87
N ASP A 415 18.62 0.43 9.15
CA ASP A 415 18.69 -0.55 10.23
C ASP A 415 17.26 -0.97 10.55
N VAL A 416 16.48 0.02 10.97
CA VAL A 416 15.09 -0.12 11.32
C VAL A 416 14.36 1.01 10.59
N ALA A 417 13.20 0.70 9.99
CA ALA A 417 12.45 1.68 9.18
C ALA A 417 10.96 1.56 9.52
N ARG A 418 10.31 2.72 9.69
CA ARG A 418 8.86 2.78 9.72
C ARG A 418 8.29 2.20 8.43
N ALA A 419 7.23 1.38 8.58
CA ALA A 419 6.64 0.70 7.45
C ALA A 419 5.12 0.61 7.65
N GLY A 420 4.39 1.05 6.63
CA GLY A 420 2.96 0.84 6.57
C GLY A 420 2.62 -0.02 5.37
N TRP A 421 1.76 -1.02 5.57
CA TRP A 421 1.26 -1.79 4.47
C TRP A 421 -0.27 -1.73 4.48
N HIS A 422 -0.86 -1.26 3.36
CA HIS A 422 -2.29 -1.25 3.14
C HIS A 422 -2.63 -2.34 2.12
N ALA A 423 -3.67 -3.12 2.43
CA ALA A 423 -4.17 -4.19 1.56
C ALA A 423 -4.27 -3.71 0.11
N ASP A 424 -3.74 -4.51 -0.84
CA ASP A 424 -3.92 -4.32 -2.27
C ASP A 424 -5.21 -5.03 -2.73
N TYR A 425 -5.74 -5.94 -1.91
CA TYR A 425 -7.04 -6.59 -2.13
C TYR A 425 -7.53 -7.16 -0.81
N ASN A 426 -8.86 -7.33 -0.67
CA ASN A 426 -9.44 -7.66 0.63
C ASN A 426 -9.36 -9.18 0.87
N GLN A 427 -8.15 -9.74 0.88
CA GLN A 427 -7.91 -11.14 1.24
C GLN A 427 -6.51 -11.29 1.86
N ALA A 428 -6.39 -12.19 2.85
CA ALA A 428 -5.19 -12.28 3.74
C ALA A 428 -3.85 -12.25 2.97
N THR A 429 -3.80 -12.83 1.76
CA THR A 429 -2.53 -13.06 1.06
C THR A 429 -1.87 -11.74 0.64
N THR A 430 -2.64 -10.65 0.54
CA THR A 430 -2.04 -9.35 0.23
C THR A 430 -0.98 -9.00 1.31
N PHE A 431 -1.12 -9.55 2.52
CA PHE A 431 -0.10 -9.40 3.57
C PHE A 431 0.85 -10.61 3.55
N GLY A 432 0.26 -11.82 3.64
CA GLY A 432 1.01 -13.07 3.59
C GLY A 432 2.14 -13.02 2.58
N ASN A 433 1.84 -12.54 1.37
CA ASN A 433 2.73 -12.68 0.20
C ASN A 433 3.97 -11.77 0.33
N TYR A 434 3.83 -10.70 1.14
CA TYR A 434 4.83 -9.66 1.34
C TYR A 434 6.15 -10.30 1.80
N PHE A 435 6.04 -11.32 2.66
CA PHE A 435 7.20 -11.87 3.39
C PHE A 435 7.72 -13.16 2.75
N LEU A 436 7.24 -13.52 1.56
CA LEU A 436 7.90 -14.57 0.78
C LEU A 436 9.36 -14.15 0.51
N SER A 437 10.27 -15.12 0.58
CA SER A 437 11.71 -14.95 0.31
C SER A 437 11.93 -14.11 -0.95
N ASN A 438 11.12 -14.40 -1.98
CA ASN A 438 11.35 -13.96 -3.33
C ASN A 438 10.39 -12.82 -3.71
N SER A 439 9.61 -12.28 -2.77
CA SER A 439 8.70 -11.17 -3.04
C SER A 439 9.50 -9.88 -3.27
N SER A 440 9.26 -9.23 -4.42
CA SER A 440 9.82 -7.91 -4.76
C SER A 440 9.37 -6.83 -3.76
N ASN A 441 8.40 -7.14 -2.90
CA ASN A 441 7.87 -6.19 -1.91
C ASN A 441 8.58 -6.32 -0.54
N ASN A 442 9.45 -7.34 -0.39
CA ASN A 442 10.06 -7.75 0.89
C ASN A 442 11.35 -6.96 1.12
N THR A 443 11.24 -5.73 1.63
CA THR A 443 12.41 -4.84 1.81
C THR A 443 13.10 -5.14 3.15
N ALA A 444 12.44 -5.96 3.98
CA ALA A 444 12.99 -6.53 5.20
C ALA A 444 14.11 -7.54 4.90
N LYS A 445 14.13 -8.10 3.70
CA LYS A 445 15.01 -9.22 3.36
C LYS A 445 14.79 -10.37 4.35
N TYR A 446 13.54 -10.58 4.78
CA TYR A 446 13.18 -11.75 5.56
C TYR A 446 13.11 -12.98 4.65
N ALA A 447 13.72 -14.07 5.08
CA ALA A 447 13.80 -15.29 4.27
C ALA A 447 13.77 -16.51 5.19
N ASN A 448 12.66 -17.26 5.11
CA ASN A 448 12.51 -18.52 5.81
C ASN A 448 11.78 -19.49 4.90
N PRO A 449 12.44 -20.56 4.39
CA PRO A 449 11.79 -21.47 3.44
C PRO A 449 10.57 -22.15 4.06
N GLU A 450 10.47 -22.23 5.39
CA GLU A 450 9.25 -22.79 6.03
C GLU A 450 8.06 -21.84 5.88
N TYR A 451 8.32 -20.52 5.88
CA TYR A 451 7.26 -19.50 5.65
C TYR A 451 6.70 -19.68 4.22
N ASP A 452 7.62 -19.61 3.25
CA ASP A 452 7.37 -19.77 1.83
C ASP A 452 6.55 -21.04 1.57
N LYS A 453 6.93 -22.14 2.22
CA LYS A 453 6.23 -23.43 2.10
C LYS A 453 4.82 -23.34 2.71
N ALA A 454 4.64 -22.59 3.80
CA ALA A 454 3.31 -22.46 4.41
C ALA A 454 2.37 -21.75 3.42
N MET A 455 2.89 -20.72 2.74
CA MET A 455 2.08 -19.89 1.83
C MET A 455 1.81 -20.65 0.52
N ALA A 456 2.83 -21.38 0.04
CA ALA A 456 2.76 -22.16 -1.20
C ALA A 456 1.67 -23.23 -1.12
N GLU A 457 1.58 -23.95 0.00
CA GLU A 457 0.62 -25.04 0.12
C GLU A 457 -0.79 -24.49 0.40
N SER A 458 -0.92 -23.16 0.51
CA SER A 458 -2.20 -22.48 0.70
C SER A 458 -2.89 -22.21 -0.65
N TYR A 459 -2.11 -21.94 -1.71
CA TYR A 459 -2.66 -21.62 -3.05
C TYR A 459 -3.37 -22.84 -3.63
N ALA A 460 -2.88 -24.04 -3.27
CA ALA A 460 -3.50 -25.30 -3.68
C ALA A 460 -4.89 -25.43 -3.03
N ALA A 461 -4.99 -25.07 -1.75
CA ALA A 461 -6.21 -25.20 -0.91
C ALA A 461 -7.47 -24.76 -1.67
N THR A 462 -8.55 -25.51 -1.44
CA THR A 462 -9.77 -25.47 -2.25
C THR A 462 -10.93 -24.78 -1.51
N ASP A 463 -10.88 -24.71 -0.17
CA ASP A 463 -11.89 -23.99 0.63
C ASP A 463 -11.18 -22.97 1.53
N ALA A 464 -11.99 -22.09 2.15
CA ALA A 464 -11.53 -20.92 2.90
C ALA A 464 -10.90 -21.31 4.23
N GLU A 465 -11.44 -22.35 4.88
CA GLU A 465 -10.91 -22.85 6.14
C GLU A 465 -9.45 -23.31 5.95
N GLY A 466 -9.20 -24.11 4.90
CA GLY A 466 -7.87 -24.63 4.58
C GLY A 466 -6.87 -23.51 4.33
N ARG A 467 -7.23 -22.53 3.50
CA ARG A 467 -6.39 -21.35 3.27
C ARG A 467 -6.14 -20.61 4.59
N ALA A 468 -7.17 -20.53 5.46
CA ALA A 468 -7.11 -19.73 6.71
C ALA A 468 -6.07 -20.31 7.69
N LYS A 469 -6.01 -21.64 7.76
CA LYS A 469 -5.06 -22.38 8.60
C LYS A 469 -3.63 -22.16 8.12
N ALA A 470 -3.40 -22.18 6.80
CA ALA A 470 -2.04 -21.99 6.25
C ALA A 470 -1.52 -20.59 6.60
N TYR A 471 -2.41 -19.59 6.51
CA TYR A 471 -2.05 -18.20 6.80
C TYR A 471 -1.73 -18.07 8.28
N ALA A 472 -2.49 -18.78 9.14
CA ALA A 472 -2.20 -18.79 10.60
C ALA A 472 -0.81 -19.36 10.87
N LYS A 473 -0.42 -20.41 10.12
CA LYS A 473 0.87 -21.04 10.28
C LYS A 473 1.98 -20.09 9.80
N ALA A 474 1.78 -19.45 8.63
CA ALA A 474 2.74 -18.49 8.08
C ALA A 474 3.05 -17.39 9.11
N GLU A 475 1.97 -16.88 9.75
CA GLU A 475 2.10 -15.82 10.75
C GLU A 475 2.88 -16.33 11.95
N GLU A 476 2.57 -17.56 12.40
CA GLU A 476 3.28 -18.16 13.54
C GLU A 476 4.78 -18.27 13.25
N ILE A 477 5.16 -18.60 12.00
CA ILE A 477 6.58 -18.72 11.63
C ILE A 477 7.28 -17.35 11.60
N LEU A 478 6.62 -16.35 11.00
CA LEU A 478 7.13 -14.97 10.96
C LEU A 478 7.24 -14.43 12.39
N GLY A 479 6.29 -14.81 13.25
CA GLY A 479 6.28 -14.44 14.64
C GLY A 479 7.47 -15.00 15.42
N LYS A 480 7.71 -16.30 15.29
CA LYS A 480 8.80 -16.95 15.99
C LYS A 480 10.16 -16.41 15.50
N ASP A 481 10.23 -15.95 14.25
CA ASP A 481 11.46 -15.38 13.69
C ASP A 481 11.61 -13.91 14.06
N TYR A 482 10.55 -13.30 14.61
CA TYR A 482 10.56 -11.89 14.96
C TYR A 482 11.07 -11.07 13.77
N GLY A 483 10.50 -11.32 12.58
CA GLY A 483 11.01 -10.78 11.31
C GLY A 483 10.93 -9.26 11.26
N ILE A 484 9.84 -8.72 11.81
CA ILE A 484 9.63 -7.28 11.95
C ILE A 484 9.01 -6.99 13.34
N VAL A 485 8.71 -5.71 13.56
CA VAL A 485 8.04 -5.21 14.79
C VAL A 485 6.69 -4.60 14.38
N PRO A 486 5.62 -5.42 14.28
CA PRO A 486 4.27 -4.89 14.12
C PRO A 486 3.91 -4.00 15.33
N ILE A 487 3.14 -2.93 15.09
CA ILE A 487 2.76 -2.00 16.16
C ILE A 487 1.23 -1.86 16.23
N PHE A 488 0.56 -1.46 15.13
CA PHE A 488 -0.90 -1.24 15.18
C PHE A 488 -1.56 -1.47 13.81
N ASN A 489 -2.87 -1.70 13.86
CA ASN A 489 -3.73 -1.78 12.69
C ASN A 489 -4.34 -0.40 12.48
N TYR A 490 -4.26 0.10 11.24
CA TYR A 490 -4.60 1.47 10.91
C TYR A 490 -6.08 1.81 11.10
N VAL A 491 -6.25 3.09 11.36
CA VAL A 491 -7.43 3.87 11.15
C VAL A 491 -6.97 5.02 10.23
N ASN A 492 -7.85 5.55 9.37
CA ASN A 492 -7.49 6.58 8.38
C ASN A 492 -8.29 7.84 8.73
N PRO A 493 -7.77 8.72 9.61
CA PRO A 493 -8.48 9.94 9.96
C PRO A 493 -8.23 10.99 8.87
N ARG A 494 -9.31 11.58 8.36
CA ARG A 494 -9.28 12.67 7.39
C ARG A 494 -10.33 13.71 7.72
N LEU A 495 -10.01 14.97 7.38
CA LEU A 495 -10.99 16.04 7.38
C LEU A 495 -11.50 16.16 5.95
N VAL A 496 -12.84 16.25 5.81
CA VAL A 496 -13.52 16.35 4.52
C VAL A 496 -14.64 17.40 4.62
N LYS A 497 -14.54 18.47 3.80
CA LYS A 497 -15.48 19.58 3.82
C LYS A 497 -16.90 19.07 3.63
N PRO A 498 -17.90 19.76 4.22
CA PRO A 498 -19.29 19.27 4.21
C PRO A 498 -19.92 19.31 2.80
N TYR A 499 -19.35 20.15 1.93
CA TYR A 499 -19.79 20.28 0.55
C TYR A 499 -19.12 19.26 -0.39
N VAL A 500 -18.21 18.44 0.11
CA VAL A 500 -17.65 17.34 -0.70
C VAL A 500 -18.48 16.07 -0.43
N LYS A 501 -19.05 15.48 -1.49
CA LYS A 501 -19.83 14.25 -1.39
C LYS A 501 -19.14 13.16 -2.21
N GLY A 502 -19.49 11.90 -1.90
CA GLY A 502 -18.93 10.72 -2.53
C GLY A 502 -17.77 10.07 -1.78
N TYR A 503 -17.37 10.62 -0.63
CA TYR A 503 -16.38 9.97 0.24
C TYR A 503 -17.09 9.24 1.38
N SER A 504 -16.98 7.92 1.45
CA SER A 504 -17.93 7.13 2.27
C SER A 504 -17.49 7.05 3.73
N GLY A 505 -16.18 6.96 3.95
CA GLY A 505 -15.64 6.56 5.21
C GLY A 505 -15.81 5.08 5.46
N LYS A 506 -16.06 4.27 4.40
CA LYS A 506 -16.36 2.83 4.55
C LYS A 506 -15.53 1.97 3.59
N ASP A 507 -14.54 2.56 2.91
CA ASP A 507 -13.72 1.83 1.94
C ASP A 507 -12.52 1.25 2.68
N PRO A 508 -12.41 -0.08 2.84
CA PRO A 508 -11.31 -0.68 3.58
C PRO A 508 -9.91 -0.38 3.02
N GLN A 509 -9.81 0.15 1.80
CA GLN A 509 -8.51 0.54 1.19
C GLN A 509 -8.38 2.06 1.07
N ASP A 510 -9.43 2.77 1.50
CA ASP A 510 -9.53 4.22 1.49
C ASP A 510 -8.97 4.78 0.17
N HIS A 511 -9.46 4.28 -0.96
CA HIS A 511 -9.15 4.87 -2.27
C HIS A 511 -9.97 6.14 -2.46
N ILE A 512 -9.42 7.09 -3.23
CA ILE A 512 -10.14 8.25 -3.68
C ILE A 512 -10.00 8.36 -5.18
N TYR A 513 -11.12 8.11 -5.87
CA TYR A 513 -11.28 8.36 -7.25
C TYR A 513 -12.05 9.66 -7.42
N LEU A 514 -11.43 10.64 -8.10
CA LEU A 514 -12.05 11.91 -8.41
C LEU A 514 -13.42 11.68 -9.06
N ARG A 515 -13.50 10.64 -9.90
CA ARG A 515 -14.76 10.35 -10.64
C ARG A 515 -15.86 9.88 -9.67
N ASN A 516 -15.57 9.62 -8.39
CA ASN A 516 -16.64 9.22 -7.45
C ASN A 516 -17.13 10.40 -6.63
N LEU A 517 -16.49 11.58 -6.78
CA LEU A 517 -16.82 12.74 -5.95
C LEU A 517 -17.71 13.72 -6.71
N TYR A 518 -18.39 14.61 -5.95
CA TYR A 518 -19.10 15.77 -6.46
C TYR A 518 -19.21 16.82 -5.34
N ILE A 519 -19.32 18.10 -5.74
CA ILE A 519 -19.44 19.26 -4.83
C ILE A 519 -20.91 19.72 -4.84
N ILE A 520 -21.51 19.87 -3.66
CA ILE A 520 -22.88 20.39 -3.54
C ILE A 520 -22.83 21.86 -3.10
N LYS A 521 -23.89 22.59 -3.42
CA LYS A 521 -24.09 23.98 -3.03
C LYS A 521 -25.38 24.06 -2.21
N ARG B 1 0.29 -1.86 -0.71
CA ARG B 1 0.96 -0.55 -1.03
C ARG B 1 1.55 0.05 0.25
N PRO B 2 2.79 0.61 0.28
CA PRO B 2 3.29 1.38 1.42
C PRO B 2 2.60 2.72 1.56
N PRO B 3 1.92 2.95 2.70
CA PRO B 3 1.34 4.25 3.06
C PRO B 3 2.38 5.30 3.45
N GLY B 4 2.12 6.54 3.00
CA GLY B 4 2.71 7.78 3.47
C GLY B 4 2.57 7.91 4.97
N PHE B 5 1.51 7.32 5.53
CA PHE B 5 1.29 7.25 6.98
C PHE B 5 1.26 5.77 7.40
S SO4 C . 7.45 16.62 -16.73
O1 SO4 C . 6.87 16.07 -17.96
O2 SO4 C . 7.53 18.07 -17.02
O3 SO4 C . 6.56 16.22 -15.57
O4 SO4 C . 8.84 16.07 -16.61
#